data_3LDY
#
_entry.id   3LDY
#
_cell.length_a   36.908
_cell.length_b   115.788
_cell.length_c   114.689
_cell.angle_alpha   90.00
_cell.angle_beta   90.00
_cell.angle_gamma   90.00
#
_symmetry.space_group_name_H-M   'C 2 2 21'
#
loop_
_entity.id
_entity.type
_entity.pdbx_description
1 polymer 'restriction endonuclease PacI'
2 polymer "DNA (5'-D(*GP*AP*GP*GP*CP*TP*TP*A)-3')"
3 polymer "DNA (5'-D(P*AP*TP*TP*AP*AP*GP*CP*CP*TP*C)-3')"
4 non-polymer 'ZINC ION'
5 non-polymer 'CALCIUM ION'
6 water water
#
loop_
_entity_poly.entity_id
_entity_poly.type
_entity_poly.pdbx_seq_one_letter_code
_entity_poly.pdbx_strand_id
1 'polypeptide(L)'
;MTQCPRCQRNLAADEFYAGSSKMCKGCMTWQNLSYNANKEGHANTFTKATFLAWYGLSAQRHCGYCGISEAGFTSLHRTN
PRGYHIQCLGVDRSDSFEGYSPQNARLACFICNRIKSNIFSASEMDVLGEAISKAWHGRGIA
;
A
2 'polydeoxyribonucleotide' (DG)(DA)(DG)(DG)(DC)(DT)(DT)(DA) B
3 'polydeoxyribonucleotide' (DA)(DT)(DT)(DA)(DA)(DG)(DC)(DC)(DT)(DC) C
#
# COMPACT_ATOMS: atom_id res chain seq x y z
N MET A 1 -17.51 -7.78 -10.93
CA MET A 1 -16.43 -7.92 -11.97
C MET A 1 -16.60 -6.99 -13.18
N THR A 2 -15.56 -6.20 -13.43
CA THR A 2 -15.30 -5.60 -14.76
C THR A 2 -13.78 -5.62 -15.03
N GLN A 3 -13.41 -5.24 -16.25
CA GLN A 3 -12.05 -5.45 -16.73
C GLN A 3 -11.16 -4.22 -16.69
N CYS A 4 -9.95 -4.41 -16.18
CA CYS A 4 -9.01 -3.29 -16.13
C CYS A 4 -8.37 -3.11 -17.50
N PRO A 5 -8.45 -1.88 -18.06
CA PRO A 5 -7.94 -1.68 -19.42
C PRO A 5 -6.42 -1.87 -19.52
N ARG A 6 -5.76 -2.01 -18.37
CA ARG A 6 -4.31 -2.12 -18.33
C ARG A 6 -3.81 -3.55 -18.12
N CYS A 7 -4.12 -4.18 -16.99
CA CYS A 7 -3.71 -5.57 -16.78
C CYS A 7 -4.69 -6.56 -17.41
N GLN A 8 -5.84 -6.05 -17.88
CA GLN A 8 -6.95 -6.82 -18.41
C GLN A 8 -7.54 -7.87 -17.47
N ARG A 9 -7.20 -7.77 -16.18
CA ARG A 9 -7.81 -8.69 -15.23
C ARG A 9 -9.29 -8.37 -15.02
N ASN A 10 -10.05 -9.41 -14.70
CA ASN A 10 -11.44 -9.25 -14.27
C ASN A 10 -11.64 -9.10 -12.77
N LEU A 11 -12.08 -7.91 -12.38
CA LEU A 11 -11.94 -7.46 -10.99
C LEU A 11 -13.24 -6.93 -10.41
N ALA A 12 -13.40 -7.06 -9.10
CA ALA A 12 -14.51 -6.42 -8.38
C ALA A 12 -14.34 -4.89 -8.32
N ALA A 13 -15.47 -4.19 -8.18
CA ALA A 13 -15.48 -2.74 -8.01
C ALA A 13 -14.48 -2.23 -6.96
N ASP A 14 -14.21 -3.03 -5.92
CA ASP A 14 -13.30 -2.57 -4.85
C ASP A 14 -11.79 -2.59 -5.22
N GLU A 15 -11.47 -3.08 -6.42
CA GLU A 15 -10.10 -3.03 -6.98
C GLU A 15 -9.92 -1.78 -7.82
N PHE A 16 -11.01 -1.05 -8.02
CA PHE A 16 -10.97 0.20 -8.79
C PHE A 16 -11.11 1.45 -7.89
N TYR A 17 -10.78 2.61 -8.45
CA TYR A 17 -10.87 3.90 -7.76
C TYR A 17 -12.28 4.51 -7.89
N ALA A 18 -12.59 5.50 -7.05
CA ALA A 18 -13.91 6.14 -7.05
C ALA A 18 -13.95 7.38 -7.95
N GLY A 19 -12.80 7.98 -8.19
CA GLY A 19 -12.72 9.13 -9.09
C GLY A 19 -12.56 8.72 -10.54
N SER A 20 -11.97 9.62 -11.33
CA SER A 20 -11.90 9.46 -12.78
C SER A 20 -10.78 8.56 -13.34
N SER A 21 -9.91 8.01 -12.51
CA SER A 21 -8.94 7.06 -13.06
C SER A 21 -9.60 5.71 -13.41
N LYS A 22 -9.18 5.16 -14.54
CA LYS A 22 -9.77 3.94 -15.09
C LYS A 22 -9.01 2.64 -14.75
N MET A 23 -7.69 2.72 -14.53
CA MET A 23 -6.90 1.52 -14.21
C MET A 23 -7.14 1.04 -12.75
N CYS A 24 -6.92 -0.25 -12.50
CA CYS A 24 -7.09 -0.82 -11.15
C CYS A 24 -6.02 -0.36 -10.13
N LYS A 25 -6.27 -0.62 -8.86
CA LYS A 25 -5.35 -0.22 -7.77
C LYS A 25 -3.96 -0.86 -7.90
N GLY A 26 -3.94 -2.13 -8.32
CA GLY A 26 -2.69 -2.85 -8.55
C GLY A 26 -1.87 -2.21 -9.65
N CYS A 27 -2.53 -1.93 -10.78
CA CYS A 27 -1.87 -1.24 -11.89
C CYS A 27 -1.36 0.14 -11.46
N MET A 28 -2.21 0.91 -10.80
CA MET A 28 -1.81 2.25 -10.36
C MET A 28 -0.65 2.23 -9.35
N THR A 29 -0.70 1.29 -8.41
CA THR A 29 0.34 1.13 -7.40
C THR A 29 1.64 0.67 -8.05
N TRP A 30 1.52 -0.21 -9.03
CA TRP A 30 2.68 -0.60 -9.83
C TRP A 30 3.30 0.57 -10.63
N GLN A 31 2.49 1.38 -11.33
CA GLN A 31 2.99 2.60 -12.00
C GLN A 31 3.64 3.61 -11.02
N ASN A 32 2.99 3.88 -9.88
CA ASN A 32 3.63 4.66 -8.83
C ASN A 32 4.99 4.10 -8.34
N LEU A 33 5.05 2.80 -8.08
CA LEU A 33 6.24 2.12 -7.57
C LEU A 33 7.42 2.32 -8.52
N SER A 34 7.18 2.11 -9.82
CA SER A 34 8.22 2.25 -10.84
CA SER A 34 8.23 2.24 -10.84
C SER A 34 8.68 3.69 -11.03
N TYR A 35 7.72 4.63 -11.06
CA TYR A 35 8.05 6.06 -11.17
C TYR A 35 8.81 6.53 -9.92
N ASN A 36 8.34 6.16 -8.73
CA ASN A 36 9.02 6.54 -7.47
C ASN A 36 10.43 5.95 -7.34
N ALA A 37 10.59 4.68 -7.69
CA ALA A 37 11.89 4.00 -7.64
C ALA A 37 12.91 4.69 -8.55
N ASN A 38 12.51 4.94 -9.78
CA ASN A 38 13.36 5.71 -10.69
C ASN A 38 13.75 7.08 -10.10
N LYS A 39 12.77 7.85 -9.65
CA LYS A 39 13.00 9.21 -9.13
C LYS A 39 13.91 9.23 -7.89
N GLU A 40 13.77 8.22 -7.04
CA GLU A 40 14.45 8.20 -5.75
C GLU A 40 15.76 7.42 -5.77
N GLY A 41 16.06 6.85 -6.94
CA GLY A 41 17.23 5.97 -7.11
C GLY A 41 17.12 4.67 -6.31
N HIS A 42 15.92 4.12 -6.17
CA HIS A 42 15.79 2.81 -5.52
C HIS A 42 15.77 1.72 -6.57
N ALA A 43 16.41 0.58 -6.27
CA ALA A 43 16.30 -0.60 -7.13
C ALA A 43 14.88 -1.20 -7.04
N ASN A 44 14.51 -1.94 -8.08
CA ASN A 44 13.22 -2.64 -8.13
C ASN A 44 13.36 -4.03 -8.76
N THR A 45 13.32 -5.07 -7.95
CA THR A 45 13.39 -6.43 -8.48
C THR A 45 12.01 -7.08 -8.76
N PHE A 46 10.90 -6.46 -8.33
CA PHE A 46 9.57 -6.92 -8.73
C PHE A 46 9.43 -6.86 -10.27
N THR A 47 8.75 -7.84 -10.86
CA THR A 47 8.16 -7.64 -12.18
C THR A 47 6.69 -7.30 -11.92
N LYS A 48 5.99 -6.81 -12.94
CA LYS A 48 4.57 -6.46 -12.77
C LYS A 48 3.77 -7.69 -12.28
N ALA A 49 4.02 -8.83 -12.91
CA ALA A 49 3.35 -10.10 -12.59
C ALA A 49 3.56 -10.55 -11.14
N THR A 50 4.80 -10.59 -10.66
CA THR A 50 5.01 -10.93 -9.25
CA THR A 50 5.05 -10.91 -9.26
CA THR A 50 5.06 -10.91 -9.25
C THR A 50 4.45 -9.84 -8.34
N PHE A 51 4.52 -8.58 -8.77
CA PHE A 51 3.94 -7.53 -7.91
C PHE A 51 2.43 -7.73 -7.72
N LEU A 52 1.71 -7.95 -8.85
CA LEU A 52 0.27 -8.10 -8.84
C LEU A 52 -0.16 -9.30 -8.00
N ALA A 53 0.61 -10.40 -8.04
CA ALA A 53 0.29 -11.56 -7.19
C ALA A 53 0.58 -11.25 -5.72
N TRP A 54 1.65 -10.48 -5.48
CA TRP A 54 1.99 -10.01 -4.15
C TRP A 54 0.92 -9.06 -3.59
N TYR A 55 0.48 -8.08 -4.39
CA TYR A 55 -0.48 -7.09 -3.94
C TYR A 55 -1.87 -7.67 -3.63
N GLY A 56 -2.22 -8.76 -4.31
CA GLY A 56 -3.45 -9.50 -4.05
C GLY A 56 -4.69 -8.65 -4.33
N LEU A 57 -5.74 -8.84 -3.53
CA LEU A 57 -7.00 -8.14 -3.78
C LEU A 57 -7.46 -7.29 -2.59
N SER A 58 -8.25 -6.26 -2.89
CA SER A 58 -8.58 -5.21 -1.93
C SER A 58 -9.09 -5.67 -0.55
N ALA A 59 -9.99 -6.65 -0.52
CA ALA A 59 -10.60 -7.12 0.73
C ALA A 59 -9.64 -7.94 1.61
N GLN A 60 -8.52 -8.35 1.04
CA GLN A 60 -7.51 -9.12 1.77
CA GLN A 60 -7.53 -9.13 1.79
C GLN A 60 -6.36 -8.26 2.30
N ARG A 61 -6.30 -7.00 1.85
CA ARG A 61 -5.21 -6.09 2.24
C ARG A 61 -5.41 -5.41 3.60
N HIS A 62 -4.40 -5.49 4.45
CA HIS A 62 -4.36 -4.79 5.74
C HIS A 62 -2.93 -4.32 5.95
N CYS A 63 -2.80 -3.12 6.52
CA CYS A 63 -1.52 -2.57 6.89
C CYS A 63 -0.75 -3.57 7.77
N GLY A 64 0.51 -3.86 7.44
CA GLY A 64 1.29 -4.84 8.23
C GLY A 64 1.85 -4.27 9.54
N TYR A 65 1.61 -2.98 9.78
CA TYR A 65 1.89 -2.37 11.09
C TYR A 65 0.67 -2.22 12.01
N CYS A 66 -0.38 -1.53 11.56
CA CYS A 66 -1.53 -1.20 12.43
C CYS A 66 -2.72 -2.15 12.25
N GLY A 67 -2.70 -2.95 11.19
CA GLY A 67 -3.77 -3.91 10.91
C GLY A 67 -5.02 -3.31 10.24
N ILE A 68 -5.04 -2.01 9.96
CA ILE A 68 -6.23 -1.42 9.33
C ILE A 68 -6.48 -2.03 7.94
N SER A 69 -7.74 -2.36 7.65
CA SER A 69 -8.14 -2.90 6.34
C SER A 69 -8.04 -1.76 5.35
N GLU A 70 -7.94 -2.09 4.08
CA GLU A 70 -7.96 -1.08 3.02
C GLU A 70 -9.26 -0.23 3.03
N ALA A 71 -10.41 -0.84 3.31
CA ALA A 71 -11.67 -0.06 3.37
C ALA A 71 -11.66 0.86 4.58
N GLY A 72 -11.15 0.37 5.71
CA GLY A 72 -11.01 1.18 6.93
C GLY A 72 -10.12 2.40 6.68
N PHE A 73 -9.02 2.20 5.96
CA PHE A 73 -8.13 3.31 5.67
C PHE A 73 -8.75 4.35 4.74
N THR A 74 -9.44 3.84 3.72
CA THR A 74 -10.24 4.64 2.82
C THR A 74 -11.22 5.53 3.59
N SER A 75 -11.83 4.97 4.63
CA SER A 75 -12.80 5.70 5.45
C SER A 75 -12.17 6.82 6.29
N LEU A 76 -10.84 6.94 6.32
CA LEU A 76 -10.21 8.05 7.05
C LEU A 76 -10.08 9.30 6.17
N HIS A 77 -10.34 9.16 4.87
CA HIS A 77 -10.22 10.27 3.90
C HIS A 77 -8.90 11.03 3.99
N ARG A 78 -7.81 10.27 3.90
CA ARG A 78 -6.49 10.87 3.86
C ARG A 78 -6.25 11.31 2.42
N THR A 79 -5.42 12.33 2.24
CA THR A 79 -5.10 12.83 0.92
C THR A 79 -3.63 12.57 0.59
N ASN A 80 -3.37 12.19 -0.66
CA ASN A 80 -2.00 12.03 -1.16
C ASN A 80 -1.39 13.42 -1.44
N PRO A 81 -0.11 13.51 -1.84
CA PRO A 81 0.49 14.85 -1.99
C PRO A 81 -0.15 15.76 -3.04
N ARG A 82 -1.04 15.19 -3.86
CA ARG A 82 -1.65 15.93 -4.97
C ARG A 82 -2.87 16.85 -4.80
N GLY A 83 -3.68 16.84 -3.73
CA GLY A 83 -3.94 15.77 -2.78
C GLY A 83 -5.38 15.27 -3.00
N TYR A 84 -5.45 14.08 -3.58
CA TYR A 84 -6.68 13.35 -3.80
C TYR A 84 -6.87 12.32 -2.70
N HIS A 85 -8.09 11.81 -2.56
CA HIS A 85 -8.46 10.83 -1.52
C HIS A 85 -7.75 9.47 -1.72
N ILE A 86 -7.05 9.01 -0.68
CA ILE A 86 -6.26 7.75 -0.75
C ILE A 86 -7.17 6.55 -0.51
N GLN A 87 -7.10 5.58 -1.43
CA GLN A 87 -8.07 4.50 -1.52
C GLN A 87 -7.46 3.09 -1.51
N CYS A 88 -6.15 3.03 -1.34
CA CYS A 88 -5.46 1.74 -1.26
C CYS A 88 -4.24 1.78 -0.32
N LEU A 89 -3.76 0.61 0.06
CA LEU A 89 -2.59 0.51 0.91
C LEU A 89 -1.36 0.45 0.01
N GLY A 90 -0.24 1.00 0.47
CA GLY A 90 0.97 1.00 -0.36
C GLY A 90 2.03 0.07 0.16
N VAL A 91 3.24 0.18 -0.37
CA VAL A 91 4.31 -0.69 0.08
C VAL A 91 5.40 0.11 0.80
N ASP A 92 5.82 -0.46 1.93
CA ASP A 92 6.88 0.08 2.74
C ASP A 92 8.13 -0.71 2.35
N ARG A 93 9.23 0.00 2.05
CA ARG A 93 10.57 -0.61 1.91
C ARG A 93 11.03 -0.83 3.34
N SER A 94 10.78 -2.01 3.88
CA SER A 94 10.89 -2.16 5.32
C SER A 94 12.27 -1.72 5.86
N ASP A 95 13.37 -2.21 5.26
CA ASP A 95 14.69 -1.58 5.41
C ASP A 95 14.68 -0.37 4.48
N SER A 96 14.65 0.82 5.08
CA SER A 96 14.56 2.08 4.33
C SER A 96 15.82 2.43 3.55
N PHE A 97 16.92 1.72 3.78
CA PHE A 97 18.10 1.88 2.95
C PHE A 97 18.08 1.00 1.67
N GLU A 98 17.19 0.00 1.62
CA GLU A 98 17.10 -0.88 0.44
CA GLU A 98 17.07 -0.92 0.47
C GLU A 98 15.89 -0.52 -0.44
N GLY A 99 15.88 -1.04 -1.66
CA GLY A 99 14.84 -0.72 -2.62
C GLY A 99 13.61 -1.62 -2.56
N TYR A 100 12.88 -1.68 -3.68
CA TYR A 100 11.69 -2.51 -3.81
C TYR A 100 12.02 -3.92 -4.27
N SER A 101 11.58 -4.90 -3.49
CA SER A 101 11.82 -6.33 -3.73
C SER A 101 10.81 -7.11 -2.89
N PRO A 102 10.50 -8.36 -3.30
CA PRO A 102 9.62 -9.20 -2.49
C PRO A 102 10.13 -9.34 -1.06
N GLN A 103 11.42 -9.57 -0.90
N GLN A 103 11.43 -9.58 -0.91
CA GLN A 103 12.04 -9.70 0.44
CA GLN A 103 12.09 -9.67 0.38
C GLN A 103 11.98 -8.43 1.28
C GLN A 103 11.88 -8.43 1.25
N ASN A 104 12.10 -7.26 0.64
CA ASN A 104 12.06 -5.96 1.38
C ASN A 104 10.69 -5.26 1.50
N ALA A 105 9.72 -5.66 0.69
CA ALA A 105 8.39 -5.03 0.68
C ALA A 105 7.50 -5.53 1.80
N ARG A 106 6.68 -4.62 2.30
CA ARG A 106 5.72 -4.88 3.33
C ARG A 106 4.54 -3.97 2.99
N LEU A 107 3.31 -4.47 3.11
CA LEU A 107 2.13 -3.64 2.91
C LEU A 107 1.99 -2.70 4.09
N ALA A 108 1.88 -1.40 3.80
CA ALA A 108 1.60 -0.45 4.88
C ALA A 108 0.63 0.68 4.46
N CYS A 109 -0.20 1.14 5.40
CA CYS A 109 -1.07 2.31 5.14
C CYS A 109 -0.19 3.57 5.04
N PHE A 110 -0.63 4.61 4.34
CA PHE A 110 0.20 5.83 4.21
C PHE A 110 0.47 6.54 5.55
N ILE A 111 -0.39 6.34 6.53
CA ILE A 111 -0.13 6.91 7.87
C ILE A 111 1.06 6.21 8.53
N CYS A 112 1.07 4.87 8.55
CA CYS A 112 2.17 4.17 9.17
C CYS A 112 3.47 4.36 8.39
N ASN A 113 3.33 4.40 7.06
CA ASN A 113 4.48 4.53 6.18
C ASN A 113 5.26 5.85 6.39
N ARG A 114 4.54 6.96 6.47
CA ARG A 114 5.12 8.24 6.85
C ARG A 114 5.58 8.32 8.30
N ILE A 115 4.87 7.71 9.23
CA ILE A 115 5.38 7.69 10.61
C ILE A 115 6.76 7.01 10.72
N LYS A 116 6.85 5.85 10.11
CA LYS A 116 8.04 5.05 10.09
C LYS A 116 9.14 5.84 9.41
N SER A 117 8.78 6.51 8.30
CA SER A 117 9.73 7.31 7.52
C SER A 117 11.06 6.56 7.34
N ASN A 118 12.19 7.25 7.51
CA ASN A 118 13.45 6.49 7.58
C ASN A 118 14.00 6.50 9.01
N ILE A 119 13.11 6.63 9.98
CA ILE A 119 13.51 6.83 11.37
C ILE A 119 13.50 5.50 12.10
N PHE A 120 12.39 4.75 12.03
CA PHE A 120 12.22 3.50 12.78
C PHE A 120 12.51 2.24 11.93
N SER A 121 13.08 1.22 12.57
CA SER A 121 13.20 -0.09 11.93
C SER A 121 11.82 -0.75 11.91
N ALA A 122 11.66 -1.76 11.05
CA ALA A 122 10.41 -2.46 10.95
C ALA A 122 9.98 -3.04 12.30
N SER A 123 10.90 -3.62 13.06
CA SER A 123 10.50 -4.13 14.40
C SER A 123 10.13 -3.05 15.41
N GLU A 124 10.80 -1.89 15.37
CA GLU A 124 10.39 -0.73 16.20
C GLU A 124 8.99 -0.28 15.72
N MET A 125 8.79 -0.29 14.40
CA MET A 125 7.50 0.11 13.85
C MET A 125 6.37 -0.90 14.19
N ASP A 126 6.70 -2.18 14.34
CA ASP A 126 5.67 -3.16 14.77
C ASP A 126 5.03 -2.71 16.10
N VAL A 127 5.86 -2.23 17.01
CA VAL A 127 5.41 -1.75 18.31
C VAL A 127 4.62 -0.44 18.18
N LEU A 128 5.09 0.52 17.36
CA LEU A 128 4.28 1.72 17.05
C LEU A 128 2.91 1.31 16.46
N GLY A 129 2.96 0.34 15.55
CA GLY A 129 1.76 -0.13 14.87
C GLY A 129 0.64 -0.55 15.82
N GLU A 130 1.01 -1.27 16.87
CA GLU A 130 0.05 -1.73 17.85
CA GLU A 130 0.06 -1.74 17.89
C GLU A 130 -0.63 -0.56 18.56
N ALA A 131 0.12 0.53 18.78
CA ALA A 131 -0.42 1.73 19.42
C ALA A 131 -1.35 2.48 18.48
N ILE A 132 -0.95 2.57 17.21
CA ILE A 132 -1.82 3.11 16.17
C ILE A 132 -3.16 2.33 16.04
N SER A 133 -3.09 1.01 16.10
CA SER A 133 -4.28 0.15 16.07
C SER A 133 -5.27 0.48 17.20
N LYS A 134 -4.75 0.84 18.37
CA LYS A 134 -5.62 1.23 19.48
C LYS A 134 -6.34 2.52 19.14
N ALA A 135 -5.65 3.47 18.52
CA ALA A 135 -6.34 4.67 18.03
C ALA A 135 -7.54 4.28 17.13
N TRP A 136 -7.28 3.47 16.11
CA TRP A 136 -8.33 3.03 15.20
C TRP A 136 -9.43 2.29 15.94
N HIS A 137 -9.03 1.31 16.77
CA HIS A 137 -9.99 0.51 17.57
CA HIS A 137 -10.00 0.52 17.53
C HIS A 137 -10.88 1.43 18.41
N GLY A 138 -10.27 2.46 19.00
CA GLY A 138 -11.00 3.46 19.76
C GLY A 138 -11.94 4.29 18.89
N ARG A 139 -11.54 4.59 17.65
CA ARG A 139 -12.41 5.38 16.77
C ARG A 139 -13.58 4.55 16.14
N GLY A 140 -13.69 3.28 16.54
CA GLY A 140 -14.62 2.33 15.90
C GLY A 140 -14.30 1.90 14.47
N ILE A 141 -13.00 1.69 14.18
CA ILE A 141 -12.50 1.42 12.84
C ILE A 141 -11.63 0.15 12.83
N ALA A 142 -11.89 -0.72 11.84
CA ALA A 142 -11.19 -2.02 11.66
C ALA A 142 -10.46 -2.15 10.30
#